data_7S5G
#
_entry.id   7S5G
#
_cell.length_a   71.027
_cell.length_b   71.027
_cell.length_c   153.606
_cell.angle_alpha   90.000
_cell.angle_beta   90.000
_cell.angle_gamma   120.000
#
_symmetry.space_group_name_H-M   'P 32 2 1'
#
loop_
_entity.id
_entity.type
_entity.pdbx_description
1 polymer 'Propeptide of Proprotein convertase subtilisin/kexin type 9'
2 polymer 'Proprotein convertase subtilisin/kexin type 9'
3 polymer Z9J-ALA-DAL-PHE-FTR-PRO-THR-0A1-3WX
4 non-polymer GLYCEROL
5 non-polymer (2E)-but-2-ene-1,4-diol
6 water water
#
loop_
_entity_poly.entity_id
_entity_poly.type
_entity_poly.pdbx_seq_one_letter_code
_entity_poly.pdbx_strand_id
1 'polypeptide(L)'
;QEDEDGDYEELVLALRSEEDGLAEAPEHGTTATFHRCAKDPWRLPGTYVVVLKEETHLSQSERTARRLQAQAARRGYLTK
ILHVFHGLLPGFLVKMSGDLLELALKLPHVDYIEEDSSVFAQ
;
A
2 'polypeptide(L)'
;SIPWNLERITPPRYRADEYQPPDGGSLVEVYLLDTSIQSDHREIEGRVMVTDFENVPEEDGTRFHRQASKCDSHGTHLAG
VVSGRDAGVAKGASMRSLRVLNCQGKGTVSGTLIGLEFIRKSQLVQPVGPLVVLLPLAGGYSRVLNAACQRLARAGVVLV
TAAGNFRDDACLYSPASAPEVITVGATNAQDQPVTLGTLGTNFGRCVDLFAPGEDIIGASSDCSTCFVSQSGTSQAAAHV
AGIAAMMLSAEPELTLAELRQRLIHFSAKDVINEAWFPEDQRVLTPNLVAALPPSTHGAGNSHHHHHH
;
B
3 'polypeptide(L)' (Z9J)A(DAL)F(FTR)PT(0A1)(3WX) C
#
loop_
_chem_comp.id
_chem_comp.type
_chem_comp.name
_chem_comp.formula
3WX peptide-like 2-methyl-L-proline 'C6 H11 N O2'
89N non-polymer (2E)-but-2-ene-1,4-diol 'C4 H8 O2'
GOL non-polymer GLYCEROL 'C3 H8 O3'
#
# COMPACT_ATOMS: atom_id res chain seq x y z
N THR A 31 -6.89 -6.98 30.19
CA THR A 31 -6.14 -5.93 29.51
C THR A 31 -6.37 -5.86 28.00
N ALA A 32 -7.33 -6.63 27.46
CA ALA A 32 -7.63 -6.60 26.02
C ALA A 32 -8.39 -5.31 25.72
N THR A 33 -8.10 -4.68 24.58
CA THR A 33 -8.69 -3.37 24.28
C THR A 33 -9.48 -3.28 22.96
N PHE A 34 -10.34 -2.26 22.86
CA PHE A 34 -11.15 -2.02 21.66
C PHE A 34 -10.71 -0.73 21.01
N HIS A 35 -10.67 -0.73 19.66
CA HIS A 35 -10.21 0.39 18.88
C HIS A 35 -11.11 0.60 17.64
N ARG A 36 -11.29 1.86 17.25
CA ARG A 36 -12.04 2.17 16.04
C ARG A 36 -11.51 3.46 15.44
N CYS A 37 -11.67 3.60 14.11
CA CYS A 37 -11.15 4.74 13.36
C CYS A 37 -11.55 6.08 13.93
N ALA A 38 -10.56 6.99 14.10
CA ALA A 38 -10.79 8.35 14.59
C ALA A 38 -11.55 9.22 13.56
N LYS A 39 -11.46 8.87 12.25
CA LYS A 39 -12.17 9.58 11.19
C LYS A 39 -13.51 8.86 11.10
N ASP A 40 -14.54 9.40 11.78
CA ASP A 40 -15.86 8.79 11.88
C ASP A 40 -16.48 8.38 10.52
N PRO A 41 -16.52 9.19 9.44
CA PRO A 41 -17.08 8.70 8.18
C PRO A 41 -16.26 7.58 7.50
N TRP A 42 -15.02 7.32 7.97
CA TRP A 42 -14.25 6.16 7.45
C TRP A 42 -14.55 4.86 8.23
N ARG A 43 -15.36 4.93 9.32
CA ARG A 43 -15.70 3.75 10.10
C ARG A 43 -16.61 2.78 9.33
N LEU A 44 -16.44 1.49 9.60
CA LEU A 44 -17.27 0.48 8.99
C LEU A 44 -17.84 -0.39 10.11
N PRO A 45 -18.86 0.11 10.83
CA PRO A 45 -19.43 -0.68 11.94
C PRO A 45 -20.06 -2.01 11.56
N GLY A 46 -19.93 -2.99 12.45
CA GLY A 46 -20.54 -4.30 12.24
C GLY A 46 -19.60 -5.41 11.82
N THR A 47 -18.33 -5.08 11.54
CA THR A 47 -17.30 -6.03 11.11
C THR A 47 -16.06 -5.72 11.93
N TYR A 48 -15.60 -6.71 12.69
CA TYR A 48 -14.51 -6.52 13.62
C TYR A 48 -13.34 -7.45 13.40
N VAL A 49 -12.11 -6.94 13.62
CA VAL A 49 -10.94 -7.78 13.53
C VAL A 49 -10.53 -8.13 14.95
N VAL A 50 -10.64 -9.41 15.29
CA VAL A 50 -10.28 -9.89 16.62
C VAL A 50 -8.87 -10.38 16.55
N VAL A 51 -7.95 -9.64 17.15
CA VAL A 51 -6.53 -10.02 17.12
C VAL A 51 -6.16 -10.73 18.43
N LEU A 52 -5.45 -11.87 18.29
CA LEU A 52 -5.04 -12.71 19.41
C LEU A 52 -3.57 -12.55 19.73
N LYS A 53 -3.17 -12.98 20.94
CA LYS A 53 -1.82 -12.91 21.43
C LYS A 53 -0.79 -13.55 20.48
N GLU A 54 0.35 -12.88 20.39
CA GLU A 54 1.49 -13.14 19.50
C GLU A 54 1.63 -14.62 19.01
N GLU A 55 1.89 -15.60 19.90
CA GLU A 55 2.11 -16.97 19.44
C GLU A 55 0.87 -17.88 19.46
N THR A 56 -0.33 -17.32 19.21
CA THR A 56 -1.54 -18.14 19.15
C THR A 56 -1.50 -18.97 17.88
N HIS A 57 -1.81 -20.26 18.01
CA HIS A 57 -1.83 -21.21 16.92
C HIS A 57 -3.15 -21.16 16.17
N LEU A 58 -3.15 -21.51 14.88
CA LEU A 58 -4.37 -21.53 14.06
C LEU A 58 -5.48 -22.38 14.67
N SER A 59 -5.13 -23.50 15.31
CA SER A 59 -6.11 -24.35 15.98
C SER A 59 -6.83 -23.59 17.10
N GLN A 60 -6.09 -22.79 17.85
CA GLN A 60 -6.69 -21.99 18.92
C GLN A 60 -7.48 -20.79 18.38
N SER A 61 -7.03 -20.10 17.31
CA SER A 61 -7.80 -19.01 16.70
C SER A 61 -9.18 -19.50 16.24
N GLU A 62 -9.22 -20.70 15.69
CA GLU A 62 -10.44 -21.32 15.23
C GLU A 62 -11.35 -21.69 16.39
N ARG A 63 -10.79 -22.10 17.54
CA ARG A 63 -11.49 -22.45 18.77
C ARG A 63 -12.11 -21.21 19.37
N THR A 64 -11.36 -20.11 19.42
CA THR A 64 -11.81 -18.81 19.94
C THR A 64 -12.95 -18.26 19.11
N ALA A 65 -12.88 -18.34 17.77
CA ALA A 65 -13.98 -17.86 16.92
C ALA A 65 -15.23 -18.68 17.15
N ARG A 66 -15.08 -20.02 17.34
CA ARG A 66 -16.23 -20.87 17.65
C ARG A 66 -16.81 -20.54 19.04
N ARG A 67 -15.94 -20.16 20.00
CA ARG A 67 -16.30 -19.77 21.35
C ARG A 67 -17.11 -18.48 21.32
N LEU A 68 -16.70 -17.53 20.48
CA LEU A 68 -17.42 -16.28 20.27
C LEU A 68 -18.82 -16.59 19.73
N GLN A 69 -18.89 -17.45 18.71
CA GLN A 69 -20.16 -17.84 18.14
C GLN A 69 -21.10 -18.51 19.14
N ALA A 70 -20.62 -19.46 19.94
CA ALA A 70 -21.47 -20.14 20.94
C ALA A 70 -21.99 -19.18 22.07
N GLN A 71 -21.13 -18.28 22.53
CA GLN A 71 -21.40 -17.26 23.56
C GLN A 71 -22.43 -16.24 23.00
N ALA A 72 -22.26 -15.84 21.72
CA ALA A 72 -23.18 -14.91 21.08
C ALA A 72 -24.52 -15.58 20.87
N ALA A 73 -24.54 -16.86 20.45
CA ALA A 73 -25.76 -17.62 20.22
C ALA A 73 -26.58 -17.73 21.50
N ARG A 74 -25.91 -17.97 22.63
CA ARG A 74 -26.50 -18.11 23.96
C ARG A 74 -27.35 -16.85 24.32
N ARG A 75 -26.85 -15.69 23.94
CA ARG A 75 -27.50 -14.41 24.16
C ARG A 75 -28.40 -13.94 22.98
N GLY A 76 -28.59 -14.78 21.98
CA GLY A 76 -29.50 -14.50 20.88
C GLY A 76 -28.93 -13.73 19.72
N TYR A 77 -27.60 -13.65 19.64
CA TYR A 77 -26.91 -12.94 18.59
C TYR A 77 -26.31 -13.85 17.50
N LEU A 78 -26.57 -13.51 16.24
CA LEU A 78 -26.01 -14.19 15.08
C LEU A 78 -24.67 -13.56 14.79
N THR A 79 -23.70 -14.37 14.44
CA THR A 79 -22.37 -13.93 14.08
C THR A 79 -21.95 -14.69 12.83
N LYS A 80 -20.99 -14.16 12.09
CA LYS A 80 -20.46 -14.86 10.93
C LYS A 80 -18.97 -14.71 10.93
N ILE A 81 -18.23 -15.82 10.91
CA ILE A 81 -16.77 -15.73 10.84
C ILE A 81 -16.39 -15.63 9.37
N LEU A 82 -15.91 -14.49 8.94
CA LEU A 82 -15.60 -14.22 7.54
C LEU A 82 -14.27 -14.80 7.06
N HIS A 83 -13.32 -14.96 7.99
CA HIS A 83 -11.99 -15.43 7.66
C HIS A 83 -11.23 -15.64 8.97
N VAL A 84 -10.27 -16.57 8.98
CA VAL A 84 -9.44 -16.83 10.13
C VAL A 84 -8.01 -16.58 9.68
N PHE A 85 -7.33 -15.67 10.35
CA PHE A 85 -5.97 -15.28 10.03
C PHE A 85 -4.93 -16.18 10.67
N HIS A 86 -3.78 -16.32 10.00
CA HIS A 86 -2.57 -17.04 10.38
C HIS A 86 -1.45 -16.70 9.38
N GLY A 87 -0.22 -16.74 9.83
CA GLY A 87 0.92 -16.44 8.97
C GLY A 87 1.59 -15.14 9.35
N LEU A 88 0.78 -14.14 9.74
CA LEU A 88 1.27 -12.84 10.15
C LEU A 88 0.73 -12.53 11.57
N LEU A 89 -0.58 -12.32 11.70
CA LEU A 89 -1.25 -12.06 12.96
C LEU A 89 -2.28 -13.15 13.20
N PRO A 90 -2.34 -13.69 14.43
CA PRO A 90 -3.38 -14.69 14.72
C PRO A 90 -4.70 -14.02 15.05
N GLY A 91 -5.80 -14.53 14.50
CA GLY A 91 -7.11 -13.95 14.76
C GLY A 91 -8.18 -14.32 13.76
N PHE A 92 -9.22 -13.50 13.67
CA PHE A 92 -10.32 -13.74 12.76
C PHE A 92 -11.13 -12.48 12.51
N LEU A 93 -11.79 -12.44 11.35
CA LEU A 93 -12.67 -11.38 10.94
C LEU A 93 -14.10 -11.84 11.29
N VAL A 94 -14.86 -11.02 12.01
CA VAL A 94 -16.23 -11.41 12.40
C VAL A 94 -17.26 -10.32 12.06
N LYS A 95 -18.40 -10.73 11.46
CA LYS A 95 -19.51 -9.81 11.20
C LYS A 95 -20.47 -10.02 12.37
N MET A 96 -20.66 -9.02 13.20
CA MET A 96 -21.51 -9.16 14.38
C MET A 96 -21.94 -7.80 14.95
N SER A 97 -22.88 -7.83 15.89
CA SER A 97 -23.29 -6.62 16.58
C SER A 97 -22.18 -6.15 17.51
N GLY A 98 -22.03 -4.84 17.61
CA GLY A 98 -21.05 -4.25 18.51
C GLY A 98 -21.40 -4.51 19.97
N ASP A 99 -22.67 -4.90 20.24
CA ASP A 99 -23.14 -5.26 21.58
C ASP A 99 -22.27 -6.36 22.20
N LEU A 100 -21.73 -7.25 21.35
CA LEU A 100 -20.90 -8.38 21.74
C LEU A 100 -19.47 -8.05 22.10
N LEU A 101 -19.02 -6.80 21.91
CA LEU A 101 -17.60 -6.46 22.17
C LEU A 101 -17.13 -6.58 23.62
N GLU A 102 -17.95 -6.29 24.64
CA GLU A 102 -17.53 -6.44 26.04
C GLU A 102 -17.18 -7.90 26.33
N LEU A 103 -18.05 -8.80 25.85
CA LEU A 103 -17.95 -10.25 25.90
C LEU A 103 -16.77 -10.79 25.05
N ALA A 104 -16.60 -10.27 23.82
CA ALA A 104 -15.52 -10.72 22.94
C ALA A 104 -14.15 -10.38 23.51
N LEU A 105 -14.03 -9.22 24.21
CA LEU A 105 -12.77 -8.83 24.85
C LEU A 105 -12.36 -9.75 26.03
N LYS A 106 -13.33 -10.48 26.62
CA LYS A 106 -13.07 -11.39 27.73
C LYS A 106 -12.70 -12.81 27.26
N LEU A 107 -12.69 -13.09 25.94
CA LEU A 107 -12.38 -14.42 25.44
C LEU A 107 -10.91 -14.72 25.68
N PRO A 108 -10.58 -15.98 25.99
CA PRO A 108 -9.16 -16.34 26.19
C PRO A 108 -8.33 -16.12 24.93
N HIS A 109 -7.07 -15.67 25.13
CA HIS A 109 -6.07 -15.41 24.08
C HIS A 109 -6.29 -14.09 23.31
N VAL A 110 -7.33 -13.29 23.62
CA VAL A 110 -7.54 -12.03 22.90
C VAL A 110 -6.52 -10.92 23.30
N ASP A 111 -5.94 -10.27 22.30
CA ASP A 111 -4.98 -9.17 22.52
C ASP A 111 -5.74 -7.83 22.39
N TYR A 112 -6.44 -7.62 21.26
CA TYR A 112 -7.24 -6.44 21.01
C TYR A 112 -8.25 -6.63 19.88
N ILE A 113 -9.26 -5.77 19.80
CA ILE A 113 -10.26 -5.83 18.75
C ILE A 113 -10.35 -4.46 18.08
N GLU A 114 -10.41 -4.45 16.74
CA GLU A 114 -10.49 -3.19 15.99
C GLU A 114 -11.63 -3.24 15.03
N GLU A 115 -12.44 -2.18 15.01
CA GLU A 115 -13.56 -2.11 14.08
C GLU A 115 -13.00 -1.85 12.67
N ASP A 116 -13.55 -2.51 11.63
CA ASP A 116 -13.09 -2.33 10.25
C ASP A 116 -13.27 -0.88 9.79
N SER A 117 -12.44 -0.44 8.85
CA SER A 117 -12.51 0.93 8.33
C SER A 117 -12.01 1.01 6.90
N SER A 118 -12.24 2.16 6.23
CA SER A 118 -11.88 2.33 4.83
C SER A 118 -10.44 2.68 4.52
N VAL A 119 -9.93 2.18 3.40
CA VAL A 119 -8.64 2.58 2.85
C VAL A 119 -8.89 3.12 1.42
N PHE A 120 -8.09 4.08 0.98
CA PHE A 120 -8.31 4.76 -0.30
C PHE A 120 -7.08 4.83 -1.16
N ALA A 121 -7.30 4.74 -2.49
CA ALA A 121 -6.26 4.90 -3.51
C ALA A 121 -5.61 6.27 -3.36
N GLN A 122 -4.27 6.33 -3.39
CA GLN A 122 -3.57 7.60 -3.25
C GLN A 122 -3.01 8.09 -4.58
N SER B 1 13.70 13.22 -25.96
CA SER B 1 13.54 13.56 -24.54
C SER B 1 12.80 12.45 -23.76
N ILE B 2 12.90 12.48 -22.43
CA ILE B 2 12.29 11.47 -21.55
C ILE B 2 11.41 12.11 -20.48
N PRO B 3 10.52 11.32 -19.83
CA PRO B 3 9.69 11.88 -18.76
C PRO B 3 10.54 12.50 -17.65
N TRP B 4 10.13 13.69 -17.18
CA TRP B 4 10.81 14.48 -16.15
C TRP B 4 11.20 13.66 -14.91
N ASN B 5 10.32 12.74 -14.45
CA ASN B 5 10.53 11.87 -13.30
C ASN B 5 11.70 10.89 -13.50
N LEU B 6 11.81 10.28 -14.69
CA LEU B 6 12.90 9.35 -15.00
C LEU B 6 14.25 10.09 -15.09
N GLU B 7 14.22 11.35 -15.52
CA GLU B 7 15.38 12.22 -15.58
C GLU B 7 15.79 12.55 -14.12
N ARG B 8 14.82 12.93 -13.26
CA ARG B 8 15.03 13.30 -11.85
C ARG B 8 15.60 12.20 -10.96
N ILE B 9 15.15 10.96 -11.15
CA ILE B 9 15.70 9.86 -10.34
C ILE B 9 17.05 9.34 -10.90
N THR B 10 17.52 9.86 -12.04
CA THR B 10 18.80 9.50 -12.65
C THR B 10 19.88 10.41 -12.09
N PRO B 11 20.95 9.85 -11.51
CA PRO B 11 22.05 10.70 -11.05
C PRO B 11 22.76 11.34 -12.26
N PRO B 12 23.17 12.62 -12.16
CA PRO B 12 23.79 13.28 -13.33
C PRO B 12 25.14 12.70 -13.78
N GLN B 20 19.70 4.69 -19.12
CA GLN B 20 18.52 4.01 -18.59
C GLN B 20 18.66 2.48 -18.61
N PRO B 21 18.58 1.84 -17.43
CA PRO B 21 18.73 0.37 -17.35
C PRO B 21 17.56 -0.41 -17.96
N PRO B 22 17.86 -1.29 -18.95
CA PRO B 22 16.77 -2.00 -19.65
C PRO B 22 16.17 -3.22 -18.96
N ASP B 23 16.89 -3.84 -18.00
CA ASP B 23 16.41 -5.02 -17.29
C ASP B 23 16.76 -4.91 -15.81
N GLY B 24 16.48 -3.75 -15.24
CA GLY B 24 16.80 -3.50 -13.85
C GLY B 24 15.77 -4.08 -12.92
N GLY B 25 16.21 -4.53 -11.76
CA GLY B 25 15.30 -5.09 -10.77
C GLY B 25 14.81 -6.50 -11.08
N SER B 26 15.51 -7.22 -12.00
CA SER B 26 15.12 -8.55 -12.45
C SER B 26 15.03 -9.63 -11.38
N LEU B 27 15.80 -9.51 -10.30
CA LEU B 27 15.77 -10.50 -9.21
C LEU B 27 14.65 -10.31 -8.21
N VAL B 28 13.88 -9.21 -8.34
CA VAL B 28 12.87 -8.84 -7.36
C VAL B 28 11.44 -9.00 -7.87
N GLU B 29 10.55 -9.40 -6.97
CA GLU B 29 9.14 -9.56 -7.29
C GLU B 29 8.40 -8.52 -6.47
N VAL B 30 7.60 -7.70 -7.16
CA VAL B 30 6.84 -6.64 -6.53
C VAL B 30 5.36 -7.03 -6.43
N TYR B 31 4.77 -6.93 -5.24
CA TYR B 31 3.36 -7.20 -5.05
C TYR B 31 2.62 -5.86 -5.01
N LEU B 32 1.59 -5.70 -5.84
CA LEU B 32 0.82 -4.48 -5.86
C LEU B 32 -0.54 -4.77 -5.24
N LEU B 33 -0.93 -4.02 -4.20
CA LEU B 33 -2.22 -4.18 -3.55
C LEU B 33 -2.98 -2.95 -4.01
N ASP B 34 -3.75 -3.07 -5.09
CA ASP B 34 -4.44 -1.92 -5.64
C ASP B 34 -5.81 -2.28 -6.30
N THR B 35 -6.30 -1.45 -7.23
CA THR B 35 -7.53 -1.67 -7.99
C THR B 35 -7.32 -2.85 -8.98
N SER B 36 -8.34 -3.18 -9.81
CA SER B 36 -8.15 -4.15 -10.88
C SER B 36 -7.09 -3.56 -11.88
N ILE B 37 -6.43 -4.43 -12.64
CA ILE B 37 -5.36 -4.04 -13.55
C ILE B 37 -5.71 -4.45 -15.00
N GLN B 38 -5.23 -3.68 -15.98
CA GLN B 38 -5.43 -4.06 -17.39
C GLN B 38 -4.20 -4.87 -17.76
N SER B 39 -4.21 -6.18 -17.45
CA SER B 39 -3.05 -7.04 -17.69
C SER B 39 -2.62 -7.15 -19.18
N ASP B 40 -3.55 -6.90 -20.11
CA ASP B 40 -3.34 -6.96 -21.56
C ASP B 40 -2.62 -5.74 -22.12
N HIS B 41 -2.55 -4.61 -21.37
CA HIS B 41 -1.94 -3.36 -21.82
C HIS B 41 -0.51 -3.59 -22.24
N ARG B 42 -0.17 -3.20 -23.46
CA ARG B 42 1.16 -3.39 -24.01
C ARG B 42 2.32 -2.89 -23.13
N GLU B 43 2.05 -1.94 -22.22
CA GLU B 43 3.07 -1.42 -21.34
C GLU B 43 3.44 -2.38 -20.20
N ILE B 44 2.49 -3.17 -19.72
CA ILE B 44 2.76 -4.11 -18.61
C ILE B 44 2.48 -5.58 -18.94
N GLU B 45 2.11 -5.88 -20.17
CA GLU B 45 1.77 -7.21 -20.67
C GLU B 45 2.95 -8.17 -20.47
N GLY B 46 2.70 -9.26 -19.75
CA GLY B 46 3.75 -10.24 -19.45
C GLY B 46 4.60 -9.94 -18.23
N ARG B 47 4.54 -8.69 -17.73
CA ARG B 47 5.29 -8.24 -16.56
C ARG B 47 4.51 -8.37 -15.26
N VAL B 48 3.18 -8.33 -15.35
CA VAL B 48 2.30 -8.40 -14.21
C VAL B 48 1.54 -9.71 -14.22
N MET B 49 1.52 -10.41 -13.10
CA MET B 49 0.79 -11.65 -12.92
C MET B 49 -0.42 -11.30 -12.07
N VAL B 50 -1.63 -11.53 -12.57
CA VAL B 50 -2.85 -11.22 -11.84
C VAL B 50 -3.18 -12.40 -10.95
N THR B 51 -2.99 -12.27 -9.63
CA THR B 51 -3.36 -13.35 -8.71
C THR B 51 -4.89 -13.52 -8.67
N ASP B 52 -5.36 -14.65 -8.13
CA ASP B 52 -6.79 -14.90 -7.96
C ASP B 52 -7.36 -14.09 -6.76
N PHE B 53 -6.56 -13.22 -6.12
CA PHE B 53 -7.02 -12.50 -4.95
C PHE B 53 -7.90 -11.29 -5.25
N GLU B 54 -9.01 -11.21 -4.54
CA GLU B 54 -9.92 -10.09 -4.63
C GLU B 54 -10.65 -9.98 -3.31
N ASN B 55 -10.52 -8.84 -2.64
CA ASN B 55 -11.28 -8.59 -1.41
C ASN B 55 -11.62 -7.13 -1.43
N VAL B 56 -12.82 -6.79 -1.92
CA VAL B 56 -13.23 -5.40 -2.10
C VAL B 56 -14.61 -5.09 -1.59
N PRO B 57 -14.82 -3.88 -1.05
CA PRO B 57 -16.17 -3.48 -0.67
C PRO B 57 -17.02 -3.13 -1.92
N GLU B 58 -18.35 -3.10 -1.76
CA GLU B 58 -19.24 -2.76 -2.85
C GLU B 58 -19.10 -1.27 -3.19
N GLU B 59 -19.31 -0.92 -4.45
CA GLU B 59 -19.22 0.47 -4.89
C GLU B 59 -20.40 1.27 -4.33
N ASP B 60 -20.16 2.54 -3.98
CA ASP B 60 -21.20 3.40 -3.45
C ASP B 60 -22.02 4.01 -4.60
N GLY B 61 -23.32 4.18 -4.38
CA GLY B 61 -24.19 4.80 -5.37
C GLY B 61 -25.45 4.03 -5.70
N THR B 62 -26.39 4.67 -6.41
CA THR B 62 -27.65 4.06 -6.82
C THR B 62 -27.33 2.87 -7.78
N ARG B 63 -26.84 3.18 -8.99
CA ARG B 63 -26.45 2.17 -9.95
C ARG B 63 -25.08 2.55 -10.48
N PHE B 64 -24.07 1.83 -10.01
CA PHE B 64 -22.70 2.07 -10.44
C PHE B 64 -22.45 1.30 -11.73
N HIS B 65 -21.80 1.93 -12.71
CA HIS B 65 -21.47 1.24 -13.96
C HIS B 65 -20.05 0.75 -13.92
N ARG B 66 -19.87 -0.58 -13.87
CA ARG B 66 -18.53 -1.16 -13.81
C ARG B 66 -17.91 -1.13 -15.19
N GLN B 67 -17.14 -0.08 -15.49
CA GLN B 67 -16.45 0.03 -16.77
C GLN B 67 -15.02 -0.38 -16.52
N ALA B 68 -14.52 -1.39 -17.25
CA ALA B 68 -13.16 -1.90 -17.09
C ALA B 68 -12.11 -0.81 -17.25
N SER B 69 -12.30 0.11 -18.20
CA SER B 69 -11.33 1.20 -18.41
C SER B 69 -11.18 2.09 -17.17
N LYS B 70 -12.29 2.36 -16.46
CA LYS B 70 -12.21 3.22 -15.28
C LYS B 70 -11.78 2.44 -14.03
N CYS B 71 -12.33 1.22 -13.84
CA CYS B 71 -11.97 0.33 -12.72
C CYS B 71 -10.47 0.11 -12.60
N ASP B 72 -9.78 -0.12 -13.75
CA ASP B 72 -8.36 -0.45 -13.86
C ASP B 72 -7.37 0.72 -13.88
N SER B 73 -7.85 1.96 -13.92
CA SER B 73 -7.01 3.14 -14.13
C SER B 73 -5.85 3.33 -13.14
N HIS B 74 -6.13 3.41 -11.83
CA HIS B 74 -5.14 3.62 -10.81
C HIS B 74 -4.04 2.55 -10.79
N GLY B 75 -4.43 1.28 -10.77
CA GLY B 75 -3.52 0.13 -10.75
C GLY B 75 -2.61 -0.08 -11.96
N THR B 76 -3.15 0.07 -13.19
CA THR B 76 -2.44 -0.05 -14.47
C THR B 76 -1.35 1.00 -14.58
N HIS B 77 -1.65 2.23 -14.12
CA HIS B 77 -0.68 3.30 -14.13
C HIS B 77 0.43 2.96 -13.15
N LEU B 78 0.08 2.53 -11.91
CA LEU B 78 1.11 2.21 -10.93
C LEU B 78 2.00 1.06 -11.36
N ALA B 79 1.44 0.02 -11.98
CA ALA B 79 2.20 -1.11 -12.50
C ALA B 79 3.19 -0.68 -13.60
N GLY B 80 2.83 0.34 -14.37
CA GLY B 80 3.68 0.89 -15.41
C GLY B 80 4.80 1.76 -14.85
N VAL B 81 4.54 2.54 -13.81
CA VAL B 81 5.59 3.36 -13.17
C VAL B 81 6.68 2.43 -12.59
N VAL B 82 6.28 1.30 -12.01
CA VAL B 82 7.21 0.34 -11.44
C VAL B 82 8.02 -0.43 -12.51
N SER B 83 7.36 -1.05 -13.50
CA SER B 83 8.09 -1.90 -14.43
C SER B 83 7.71 -1.75 -15.91
N GLY B 84 7.00 -0.71 -16.26
CA GLY B 84 6.56 -0.48 -17.63
C GLY B 84 7.63 -0.58 -18.71
N ARG B 85 7.28 -1.26 -19.81
CA ARG B 85 8.11 -1.46 -20.99
C ARG B 85 8.87 -0.19 -21.43
N ASP B 86 8.17 0.94 -21.53
CA ASP B 86 8.72 2.21 -22.00
C ASP B 86 9.01 3.23 -20.94
N ALA B 87 8.11 3.41 -19.97
CA ALA B 87 8.30 4.46 -18.96
C ALA B 87 8.45 3.95 -17.52
N GLY B 88 8.84 2.70 -17.34
CA GLY B 88 8.99 2.12 -16.01
C GLY B 88 10.34 2.33 -15.37
N VAL B 89 10.36 2.34 -14.03
CA VAL B 89 11.60 2.50 -13.28
C VAL B 89 12.46 1.22 -13.34
N ALA B 90 11.88 0.07 -13.01
CA ALA B 90 12.58 -1.21 -13.00
C ALA B 90 12.01 -2.10 -14.12
N LYS B 91 12.51 -1.91 -15.37
CA LYS B 91 12.01 -2.61 -16.55
C LYS B 91 12.17 -4.13 -16.53
N GLY B 92 12.95 -4.67 -15.61
CA GLY B 92 13.15 -6.11 -15.52
C GLY B 92 12.45 -6.81 -14.38
N ALA B 93 11.75 -6.03 -13.53
CA ALA B 93 11.08 -6.59 -12.37
C ALA B 93 9.81 -7.37 -12.67
N SER B 94 9.54 -8.38 -11.85
CA SER B 94 8.31 -9.14 -11.98
C SER B 94 7.30 -8.54 -10.99
N MET B 95 6.03 -8.51 -11.37
CA MET B 95 4.99 -7.98 -10.50
C MET B 95 3.87 -8.99 -10.36
N ARG B 96 3.20 -8.97 -9.22
CA ARG B 96 2.05 -9.79 -8.94
C ARG B 96 1.03 -8.85 -8.31
N SER B 97 -0.20 -8.79 -8.82
CA SER B 97 -1.20 -7.85 -8.31
C SER B 97 -2.33 -8.55 -7.60
N LEU B 98 -2.81 -7.93 -6.52
CA LEU B 98 -3.95 -8.37 -5.71
C LEU B 98 -4.94 -7.22 -5.75
N ARG B 99 -6.23 -7.53 -5.87
CA ARG B 99 -7.24 -6.50 -5.91
C ARG B 99 -7.82 -6.24 -4.52
N VAL B 100 -7.45 -5.11 -3.88
CA VAL B 100 -7.99 -4.69 -2.58
C VAL B 100 -8.78 -3.37 -2.66
N LEU B 101 -8.80 -2.71 -3.81
CA LEU B 101 -9.49 -1.46 -4.06
C LEU B 101 -10.52 -1.67 -5.17
N ASN B 102 -11.76 -1.18 -4.95
CA ASN B 102 -12.86 -1.33 -5.89
C ASN B 102 -12.79 -0.29 -7.03
N CYS B 103 -13.81 -0.18 -7.92
CA CYS B 103 -13.74 0.74 -9.06
C CYS B 103 -13.68 2.21 -8.69
N GLN B 104 -14.04 2.55 -7.46
CA GLN B 104 -13.96 3.92 -6.95
C GLN B 104 -12.67 4.20 -6.13
N GLY B 105 -11.76 3.22 -6.06
CA GLY B 105 -10.52 3.36 -5.33
C GLY B 105 -10.63 3.09 -3.84
N LYS B 106 -11.75 2.49 -3.41
CA LYS B 106 -11.97 2.19 -1.99
C LYS B 106 -11.77 0.72 -1.63
N GLY B 107 -11.19 0.51 -0.46
CA GLY B 107 -10.96 -0.80 0.10
C GLY B 107 -11.21 -0.82 1.59
N THR B 108 -10.76 -1.86 2.29
CA THR B 108 -10.96 -1.95 3.74
C THR B 108 -9.66 -2.35 4.43
N VAL B 109 -9.58 -2.14 5.76
CA VAL B 109 -8.43 -2.60 6.52
C VAL B 109 -8.42 -4.14 6.49
N SER B 110 -9.58 -4.76 6.72
CA SER B 110 -9.65 -6.22 6.72
C SER B 110 -9.22 -6.83 5.38
N GLY B 111 -9.61 -6.20 4.27
CA GLY B 111 -9.23 -6.67 2.93
C GLY B 111 -7.74 -6.53 2.72
N THR B 112 -7.16 -5.40 3.19
CA THR B 112 -5.72 -5.19 3.09
C THR B 112 -4.93 -6.20 3.93
N LEU B 113 -5.44 -6.58 5.13
CA LEU B 113 -4.78 -7.59 5.98
C LEU B 113 -4.87 -8.97 5.30
N ILE B 114 -6.04 -9.35 4.78
CA ILE B 114 -6.19 -10.64 4.08
C ILE B 114 -5.23 -10.68 2.84
N GLY B 115 -4.98 -9.52 2.23
CA GLY B 115 -4.06 -9.41 1.12
C GLY B 115 -2.63 -9.57 1.56
N LEU B 116 -2.25 -8.90 2.66
CA LEU B 116 -0.89 -8.99 3.18
C LEU B 116 -0.56 -10.44 3.61
N GLU B 117 -1.54 -11.13 4.18
CA GLU B 117 -1.43 -12.53 4.59
C GLU B 117 -1.26 -13.48 3.35
N PHE B 118 -1.98 -13.20 2.27
CA PHE B 118 -1.92 -13.95 1.01
C PHE B 118 -0.50 -13.86 0.42
N ILE B 119 0.14 -12.67 0.50
CA ILE B 119 1.50 -12.50 -0.01
C ILE B 119 2.46 -13.40 0.75
N ARG B 120 2.35 -13.42 2.08
CA ARG B 120 3.22 -14.24 2.91
C ARG B 120 3.01 -15.75 2.64
N LYS B 121 1.74 -16.18 2.51
CA LYS B 121 1.42 -17.58 2.21
C LYS B 121 1.95 -18.01 0.83
N SER B 122 1.97 -17.08 -0.13
CA SER B 122 2.50 -17.33 -1.48
C SER B 122 4.00 -17.48 -1.49
N GLN B 123 4.67 -16.74 -0.61
CA GLN B 123 6.10 -16.76 -0.51
C GLN B 123 6.58 -18.08 0.12
N LEU B 124 5.85 -18.56 1.15
CA LEU B 124 6.21 -19.78 1.85
C LEU B 124 6.02 -21.03 0.97
N VAL B 125 4.97 -21.03 0.14
CA VAL B 125 4.63 -22.12 -0.76
C VAL B 125 5.60 -22.21 -1.95
N GLN B 126 6.03 -21.05 -2.49
CA GLN B 126 6.90 -20.96 -3.65
C GLN B 126 7.86 -19.79 -3.56
N PRO B 127 8.96 -19.94 -2.78
CA PRO B 127 9.89 -18.82 -2.63
C PRO B 127 10.69 -18.45 -3.87
N VAL B 128 10.85 -17.16 -4.13
CA VAL B 128 11.64 -16.62 -5.25
C VAL B 128 12.73 -15.69 -4.58
N GLY B 129 13.10 -14.55 -5.19
CA GLY B 129 14.08 -13.67 -4.61
C GLY B 129 13.43 -12.71 -3.64
N PRO B 130 14.09 -11.58 -3.37
CA PRO B 130 13.51 -10.59 -2.44
C PRO B 130 12.17 -10.05 -2.96
N LEU B 131 11.23 -9.86 -2.04
CA LEU B 131 9.92 -9.31 -2.34
C LEU B 131 9.82 -7.86 -1.91
N VAL B 132 9.15 -7.03 -2.72
CA VAL B 132 8.87 -5.63 -2.43
C VAL B 132 7.35 -5.54 -2.48
N VAL B 133 6.70 -5.05 -1.43
CA VAL B 133 5.24 -4.89 -1.40
C VAL B 133 4.86 -3.41 -1.49
N LEU B 134 4.20 -3.02 -2.58
CA LEU B 134 3.72 -1.66 -2.78
C LEU B 134 2.26 -1.52 -2.30
N LEU B 135 1.99 -0.59 -1.39
CA LEU B 135 0.66 -0.28 -0.83
C LEU B 135 0.36 1.17 -1.17
N PRO B 136 -0.26 1.42 -2.33
CA PRO B 136 -0.53 2.80 -2.74
C PRO B 136 -1.93 3.19 -2.28
N LEU B 137 -2.14 3.05 -0.96
CA LEU B 137 -3.40 3.30 -0.33
C LEU B 137 -3.24 3.87 1.09
N ALA B 138 -4.33 4.49 1.64
CA ALA B 138 -4.30 5.03 2.98
C ALA B 138 -5.67 5.13 3.61
N GLY B 139 -5.69 4.87 4.90
CA GLY B 139 -6.83 5.09 5.77
C GLY B 139 -6.35 5.84 6.99
N GLY B 140 -7.18 5.87 8.02
CA GLY B 140 -6.80 6.49 9.29
C GLY B 140 -5.87 5.55 10.05
N TYR B 141 -5.19 6.05 11.10
CA TYR B 141 -4.30 5.22 11.93
C TYR B 141 -4.96 3.90 12.35
N SER B 142 -4.28 2.79 12.08
CA SER B 142 -4.83 1.47 12.36
C SER B 142 -3.83 0.64 13.12
N ARG B 143 -4.18 0.23 14.35
CA ARG B 143 -3.27 -0.58 15.15
C ARG B 143 -3.08 -1.95 14.46
N VAL B 144 -4.15 -2.53 13.91
CA VAL B 144 -4.03 -3.84 13.26
C VAL B 144 -3.23 -3.78 11.90
N LEU B 145 -3.41 -2.70 11.10
CA LEU B 145 -2.69 -2.60 9.84
C LEU B 145 -1.20 -2.34 10.06
N ASN B 146 -0.86 -1.52 11.07
CA ASN B 146 0.54 -1.26 11.41
C ASN B 146 1.22 -2.52 11.95
N ALA B 147 0.48 -3.32 12.74
CA ALA B 147 0.98 -4.57 13.29
C ALA B 147 1.23 -5.62 12.17
N ALA B 148 0.33 -5.73 11.17
CA ALA B 148 0.50 -6.67 10.08
C ALA B 148 1.68 -6.29 9.19
N CYS B 149 1.87 -4.98 8.96
CA CYS B 149 2.97 -4.41 8.19
C CYS B 149 4.32 -4.67 8.88
N GLN B 150 4.36 -4.45 10.20
CA GLN B 150 5.53 -4.70 11.02
C GLN B 150 5.90 -6.17 10.98
N ARG B 151 4.90 -7.07 11.09
CA ARG B 151 5.16 -8.52 11.06
C ARG B 151 5.78 -8.95 9.74
N LEU B 152 5.24 -8.47 8.61
CA LEU B 152 5.72 -8.80 7.27
C LEU B 152 7.10 -8.25 7.02
N ALA B 153 7.42 -7.07 7.56
CA ALA B 153 8.75 -6.49 7.43
C ALA B 153 9.76 -7.30 8.25
N ARG B 154 9.36 -7.72 9.46
CA ARG B 154 10.21 -8.53 10.34
C ARG B 154 10.46 -9.94 9.74
N ALA B 155 9.51 -10.44 8.92
CA ALA B 155 9.69 -11.70 8.21
C ALA B 155 10.59 -11.55 6.96
N GLY B 156 11.23 -10.39 6.76
CA GLY B 156 12.15 -10.17 5.66
C GLY B 156 11.58 -9.53 4.41
N VAL B 157 10.32 -9.08 4.41
CA VAL B 157 9.73 -8.46 3.21
C VAL B 157 9.77 -6.92 3.25
N VAL B 158 10.19 -6.27 2.15
CA VAL B 158 10.27 -4.80 2.09
C VAL B 158 8.89 -4.23 1.73
N LEU B 159 8.40 -3.23 2.47
CA LEU B 159 7.09 -2.63 2.26
C LEU B 159 7.25 -1.14 1.95
N VAL B 160 6.52 -0.65 0.93
CA VAL B 160 6.54 0.75 0.51
C VAL B 160 5.09 1.26 0.47
N THR B 161 4.81 2.41 1.10
CA THR B 161 3.46 2.98 1.11
C THR B 161 3.47 4.45 0.74
N ALA B 162 2.33 4.96 0.26
CA ALA B 162 2.17 6.37 0.00
C ALA B 162 2.00 7.10 1.36
N ALA B 163 2.57 8.31 1.50
CA ALA B 163 2.44 9.09 2.72
C ALA B 163 0.99 9.54 2.93
N GLY B 164 0.26 9.77 1.83
CA GLY B 164 -1.12 10.23 1.87
C GLY B 164 -1.23 11.56 1.16
N ASN B 165 -2.39 11.86 0.60
CA ASN B 165 -2.61 13.07 -0.17
C ASN B 165 -3.50 14.06 0.59
N PHE B 166 -3.33 14.14 1.93
CA PHE B 166 -4.21 14.96 2.74
C PHE B 166 -3.59 16.26 3.28
N ARG B 167 -2.35 16.62 2.86
CA ARG B 167 -1.59 17.77 3.35
C ARG B 167 -1.59 17.77 4.89
N ASP B 168 -1.36 16.60 5.46
CA ASP B 168 -1.44 16.43 6.88
C ASP B 168 -0.26 15.63 7.41
N ASP B 169 -0.22 15.41 8.70
CA ASP B 169 0.83 14.64 9.34
C ASP B 169 0.57 13.16 8.95
N ALA B 170 1.56 12.47 8.35
CA ALA B 170 1.40 11.09 7.93
C ALA B 170 1.31 10.11 9.09
N CYS B 171 1.58 10.53 10.34
CA CYS B 171 1.45 9.65 11.52
C CYS B 171 -0.04 9.41 11.91
N LEU B 172 -0.98 10.20 11.34
CA LEU B 172 -2.41 9.98 11.58
C LEU B 172 -3.04 9.09 10.51
N TYR B 173 -2.21 8.49 9.62
CA TYR B 173 -2.62 7.67 8.51
C TYR B 173 -1.93 6.30 8.52
N SER B 174 -2.61 5.28 8.06
CA SER B 174 -2.06 3.92 8.00
C SER B 174 -2.26 3.37 6.59
N PRO B 175 -1.28 2.59 6.08
CA PRO B 175 -0.05 2.14 6.74
C PRO B 175 1.11 3.16 6.76
N ALA B 176 0.84 4.44 6.41
CA ALA B 176 1.92 5.44 6.42
C ALA B 176 2.60 5.62 7.79
N SER B 177 1.87 5.42 8.89
CA SER B 177 2.44 5.57 10.23
C SER B 177 3.27 4.39 10.71
N ALA B 178 3.13 3.18 10.10
CA ALA B 178 3.92 1.99 10.49
C ALA B 178 5.40 2.29 10.29
N PRO B 179 6.21 2.22 11.35
CA PRO B 179 7.63 2.65 11.21
C PRO B 179 8.52 1.74 10.34
N GLU B 180 8.25 0.43 10.36
CA GLU B 180 9.00 -0.55 9.58
C GLU B 180 8.72 -0.46 8.06
N VAL B 181 7.82 0.43 7.64
CA VAL B 181 7.49 0.64 6.25
C VAL B 181 8.17 1.91 5.73
N ILE B 182 8.59 1.91 4.46
CA ILE B 182 9.18 3.07 3.85
C ILE B 182 8.01 3.90 3.33
N THR B 183 7.78 5.04 3.94
CA THR B 183 6.66 5.92 3.63
C THR B 183 7.10 7.00 2.69
N VAL B 184 6.43 7.17 1.55
CA VAL B 184 6.88 8.10 0.52
C VAL B 184 5.96 9.29 0.27
N GLY B 185 6.48 10.50 0.46
CA GLY B 185 5.76 11.72 0.12
C GLY B 185 6.06 12.08 -1.32
N ALA B 186 5.25 12.95 -1.94
CA ALA B 186 5.47 13.33 -3.34
C ALA B 186 5.95 14.78 -3.59
N THR B 187 6.88 14.96 -4.55
CA THR B 187 7.42 16.24 -5.03
C THR B 187 7.17 16.44 -6.55
N ASN B 188 7.25 17.69 -7.04
CA ASN B 188 6.99 18.00 -8.45
C ASN B 188 8.29 18.28 -9.27
N ALA B 189 8.18 18.74 -10.55
CA ALA B 189 9.31 19.04 -11.42
C ALA B 189 10.23 20.15 -10.91
N GLN B 190 9.77 20.94 -9.94
CA GLN B 190 10.60 21.98 -9.31
C GLN B 190 11.17 21.50 -7.94
N ASP B 191 11.00 20.21 -7.59
CA ASP B 191 11.38 19.61 -6.32
C ASP B 191 10.63 20.19 -5.12
N GLN B 192 9.39 20.66 -5.35
CA GLN B 192 8.56 21.19 -4.28
C GLN B 192 7.45 20.21 -3.93
N PRO B 193 6.90 20.24 -2.70
CA PRO B 193 5.84 19.29 -2.36
C PRO B 193 4.62 19.42 -3.26
N VAL B 194 4.03 18.30 -3.64
CA VAL B 194 2.91 18.29 -4.57
C VAL B 194 1.62 18.79 -3.95
N THR B 195 0.93 19.68 -4.66
CA THR B 195 -0.35 20.18 -4.23
C THR B 195 -1.39 19.47 -5.13
N LEU B 196 -2.42 18.89 -4.51
CA LEU B 196 -3.48 18.17 -5.18
C LEU B 196 -4.78 18.82 -4.77
N GLY B 197 -5.31 19.68 -5.63
CA GLY B 197 -6.52 20.44 -5.36
C GLY B 197 -6.28 21.37 -4.19
N THR B 198 -7.15 21.30 -3.18
CA THR B 198 -6.96 22.10 -1.95
C THR B 198 -6.08 21.35 -0.92
N LEU B 199 -5.70 20.09 -1.19
CA LEU B 199 -4.88 19.29 -0.30
C LEU B 199 -3.46 19.07 -0.92
N GLY B 200 -2.85 17.91 -0.78
CA GLY B 200 -1.52 17.66 -1.32
C GLY B 200 -0.75 16.61 -0.54
N THR B 201 0.56 16.44 -0.81
CA THR B 201 1.35 15.43 -0.12
C THR B 201 1.34 15.54 1.42
N ASN B 202 1.39 14.40 2.10
CA ASN B 202 1.50 14.36 3.54
C ASN B 202 2.98 14.64 3.93
N PHE B 203 3.21 14.88 5.21
CA PHE B 203 4.56 15.24 5.70
C PHE B 203 4.77 14.76 7.14
N GLY B 204 5.85 15.19 7.78
CA GLY B 204 6.11 14.84 9.18
C GLY B 204 7.16 13.77 9.40
N ARG B 205 7.34 13.39 10.68
CA ARG B 205 8.35 12.41 11.13
C ARG B 205 8.09 10.97 10.61
N CYS B 206 6.88 10.67 10.14
CA CYS B 206 6.59 9.33 9.62
C CYS B 206 6.96 9.16 8.14
N VAL B 207 7.37 10.25 7.44
CA VAL B 207 7.78 10.16 6.05
C VAL B 207 9.26 9.90 5.98
N ASP B 208 9.66 8.95 5.13
CA ASP B 208 11.07 8.60 4.99
C ASP B 208 11.78 9.48 3.98
N LEU B 209 11.15 9.70 2.83
CA LEU B 209 11.72 10.47 1.73
C LEU B 209 10.65 10.82 0.73
N PHE B 210 10.99 11.69 -0.22
CA PHE B 210 10.08 12.12 -1.28
C PHE B 210 10.53 11.58 -2.62
N ALA B 211 9.66 11.62 -3.61
CA ALA B 211 9.97 11.13 -4.95
C ALA B 211 8.98 11.80 -5.90
N PRO B 212 9.25 11.84 -7.22
CA PRO B 212 8.30 12.46 -8.16
C PRO B 212 6.86 11.92 -8.08
N GLY B 213 5.92 12.82 -7.89
CA GLY B 213 4.52 12.45 -7.77
C GLY B 213 3.57 13.42 -8.43
N GLU B 214 4.03 14.14 -9.45
CA GLU B 214 3.17 15.07 -10.18
C GLU B 214 3.43 14.91 -11.68
N ASP B 215 2.38 14.86 -12.51
CA ASP B 215 2.46 14.70 -13.97
C ASP B 215 3.40 13.55 -14.37
N ILE B 216 3.12 12.35 -13.85
CA ILE B 216 3.92 11.15 -14.09
C ILE B 216 3.32 10.37 -15.25
N ILE B 217 4.07 10.26 -16.35
CA ILE B 217 3.59 9.52 -17.52
C ILE B 217 3.58 8.00 -17.23
N GLY B 218 2.42 7.41 -17.37
CA GLY B 218 2.25 5.98 -17.14
C GLY B 218 1.16 5.38 -17.99
N ALA B 219 1.02 4.05 -17.94
CA ALA B 219 0.02 3.34 -18.73
C ALA B 219 -1.39 3.81 -18.42
N SER B 220 -2.16 4.06 -19.48
CA SER B 220 -3.55 4.43 -19.36
C SER B 220 -4.42 3.25 -19.77
N SER B 221 -5.49 2.95 -19.00
CA SER B 221 -6.40 1.89 -19.38
C SER B 221 -7.49 2.36 -20.37
N ASP B 222 -7.37 3.57 -20.96
CA ASP B 222 -8.35 4.01 -21.98
C ASP B 222 -8.18 3.29 -23.34
N CYS B 223 -7.00 2.72 -23.56
CA CYS B 223 -6.68 1.90 -24.72
C CYS B 223 -5.42 1.04 -24.43
N SER B 224 -5.21 -0.05 -25.16
CA SER B 224 -4.09 -0.98 -24.91
C SER B 224 -2.67 -0.41 -25.09
N THR B 225 -2.55 0.79 -25.65
CA THR B 225 -1.24 1.43 -25.86
C THR B 225 -1.21 2.87 -25.33
N CYS B 226 -2.29 3.34 -24.68
CA CYS B 226 -2.38 4.72 -24.21
C CYS B 226 -1.49 5.07 -23.02
N PHE B 227 -1.10 6.35 -22.89
CA PHE B 227 -0.35 6.87 -21.77
C PHE B 227 -1.09 8.11 -21.24
N VAL B 228 -1.08 8.26 -19.90
CA VAL B 228 -1.70 9.36 -19.18
C VAL B 228 -0.80 9.80 -18.02
N SER B 229 -0.81 11.10 -17.69
CA SER B 229 -0.05 11.61 -16.57
C SER B 229 -0.93 11.56 -15.33
N GLN B 230 -0.38 11.12 -14.20
CA GLN B 230 -1.16 11.05 -12.95
C GLN B 230 -0.37 11.68 -11.80
N SER B 231 -1.08 12.09 -10.72
CA SER B 231 -0.37 12.67 -9.58
C SER B 231 -0.85 12.13 -8.26
N GLY B 232 0.07 11.97 -7.33
CA GLY B 232 -0.27 11.50 -5.98
C GLY B 232 0.91 10.90 -5.27
N THR B 233 0.75 10.61 -3.98
CA THR B 233 1.82 9.95 -3.22
C THR B 233 1.93 8.44 -3.61
N SER B 234 0.87 7.84 -4.21
CA SER B 234 0.95 6.47 -4.71
C SER B 234 1.97 6.40 -5.88
N GLN B 235 1.97 7.41 -6.76
CA GLN B 235 2.91 7.51 -7.89
C GLN B 235 4.32 7.67 -7.38
N ALA B 236 4.51 8.43 -6.28
CA ALA B 236 5.81 8.60 -5.66
C ALA B 236 6.26 7.28 -5.01
N ALA B 237 5.33 6.57 -4.37
CA ALA B 237 5.61 5.28 -3.76
C ALA B 237 6.05 4.27 -4.84
N ALA B 238 5.42 4.29 -6.04
CA ALA B 238 5.76 3.39 -7.13
C ALA B 238 7.20 3.64 -7.62
N HIS B 239 7.67 4.90 -7.59
CA HIS B 239 9.05 5.21 -7.94
C HIS B 239 10.00 4.56 -6.95
N VAL B 240 9.66 4.59 -5.65
CA VAL B 240 10.51 4.03 -4.61
C VAL B 240 10.49 2.50 -4.67
N ALA B 241 9.34 1.86 -4.96
CA ALA B 241 9.32 0.41 -5.11
C ALA B 241 10.21 -0.03 -6.29
N GLY B 242 10.30 0.78 -7.35
CA GLY B 242 11.15 0.47 -8.49
C GLY B 242 12.62 0.64 -8.16
N ILE B 243 12.95 1.72 -7.44
CA ILE B 243 14.31 2.05 -7.02
C ILE B 243 14.81 1.01 -6.02
N ALA B 244 13.96 0.60 -5.08
CA ALA B 244 14.33 -0.41 -4.13
C ALA B 244 14.57 -1.75 -4.82
N ALA B 245 13.81 -2.06 -5.88
CA ALA B 245 13.98 -3.31 -6.63
C ALA B 245 15.30 -3.32 -7.38
N MET B 246 15.74 -2.15 -7.89
CA MET B 246 17.03 -2.05 -8.58
C MET B 246 18.18 -2.14 -7.58
N MET B 247 18.03 -1.56 -6.39
CA MET B 247 19.07 -1.61 -5.36
C MET B 247 19.21 -3.01 -4.79
N LEU B 248 18.07 -3.71 -4.59
CA LEU B 248 18.04 -5.08 -4.07
C LEU B 248 18.48 -6.07 -5.13
N SER B 249 18.21 -5.79 -6.39
CA SER B 249 18.60 -6.66 -7.49
C SER B 249 20.13 -6.63 -7.66
N ALA B 250 20.74 -5.45 -7.50
CA ALA B 250 22.17 -5.24 -7.61
C ALA B 250 22.88 -5.72 -6.34
N GLU B 251 22.26 -5.55 -5.16
CA GLU B 251 22.84 -6.02 -3.88
C GLU B 251 21.80 -6.88 -3.15
N PRO B 252 21.61 -8.14 -3.56
CA PRO B 252 20.55 -8.97 -2.93
C PRO B 252 20.67 -9.30 -1.45
N GLU B 253 21.86 -9.26 -0.86
CA GLU B 253 22.02 -9.59 0.57
C GLU B 253 21.64 -8.44 1.54
N LEU B 254 21.23 -7.30 0.99
CA LEU B 254 20.84 -6.13 1.78
C LEU B 254 19.73 -6.43 2.74
N THR B 255 19.90 -6.07 4.02
CA THR B 255 18.81 -6.20 4.99
C THR B 255 17.91 -4.96 4.84
N LEU B 256 16.71 -4.93 5.48
CA LEU B 256 15.81 -3.77 5.37
C LEU B 256 16.50 -2.47 5.78
N ALA B 257 17.20 -2.49 6.90
CA ALA B 257 17.90 -1.32 7.42
C ALA B 257 18.99 -0.84 6.46
N GLU B 258 19.71 -1.78 5.86
CA GLU B 258 20.75 -1.43 4.89
C GLU B 258 20.13 -0.77 3.65
N LEU B 259 18.96 -1.28 3.21
CA LEU B 259 18.23 -0.72 2.07
C LEU B 259 17.79 0.71 2.36
N ARG B 260 17.31 0.98 3.59
CA ARG B 260 16.83 2.31 3.98
C ARG B 260 17.98 3.34 3.98
N GLN B 261 19.20 2.89 4.32
CA GLN B 261 20.35 3.77 4.30
C GLN B 261 20.83 4.05 2.86
N ARG B 262 20.66 3.09 1.94
CA ARG B 262 21.02 3.29 0.53
C ARG B 262 20.09 4.35 -0.07
N LEU B 263 18.78 4.25 0.23
CA LEU B 263 17.79 5.20 -0.25
C LEU B 263 18.10 6.62 0.22
N ILE B 264 18.54 6.77 1.49
CA ILE B 264 18.85 8.07 2.05
C ILE B 264 20.14 8.60 1.44
N HIS B 265 21.17 7.74 1.34
CA HIS B 265 22.47 8.13 0.81
C HIS B 265 22.42 8.61 -0.64
N PHE B 266 21.69 7.90 -1.50
CA PHE B 266 21.62 8.29 -2.92
C PHE B 266 20.55 9.33 -3.26
N SER B 267 19.74 9.77 -2.26
CA SER B 267 18.72 10.79 -2.47
C SER B 267 19.36 12.19 -2.67
N ALA B 268 18.65 13.08 -3.36
CA ALA B 268 19.09 14.48 -3.49
C ALA B 268 18.72 15.13 -2.14
N LYS B 269 19.63 15.93 -1.58
CA LYS B 269 19.40 16.55 -0.27
C LYS B 269 19.19 18.05 -0.33
N ASP B 270 18.33 18.56 0.54
CA ASP B 270 18.04 19.98 0.67
C ASP B 270 17.56 20.67 -0.62
N VAL B 271 16.75 19.97 -1.46
CA VAL B 271 16.17 20.60 -2.65
C VAL B 271 14.66 20.94 -2.47
N ILE B 272 14.08 20.62 -1.31
CA ILE B 272 12.68 20.93 -1.03
C ILE B 272 12.63 22.23 -0.18
N ASN B 273 11.75 23.19 -0.52
CA ASN B 273 11.61 24.40 0.28
C ASN B 273 10.65 24.04 1.40
N GLU B 274 11.20 23.90 2.62
CA GLU B 274 10.46 23.54 3.82
C GLU B 274 9.32 24.52 4.17
N ALA B 275 9.35 25.75 3.64
CA ALA B 275 8.30 26.73 3.90
C ALA B 275 6.88 26.29 3.45
N TRP B 276 6.75 25.23 2.62
CA TRP B 276 5.44 24.73 2.16
C TRP B 276 4.70 23.96 3.28
N PHE B 277 5.44 23.26 4.13
CA PHE B 277 4.91 22.50 5.25
C PHE B 277 4.66 23.45 6.43
N PRO B 278 3.70 23.13 7.32
CA PRO B 278 3.51 23.98 8.51
C PRO B 278 4.78 24.13 9.35
N GLU B 279 4.94 25.29 9.97
CA GLU B 279 6.11 25.68 10.77
C GLU B 279 6.75 24.58 11.63
N ASP B 280 5.98 23.82 12.43
CA ASP B 280 6.57 22.77 13.27
C ASP B 280 7.01 21.50 12.54
N GLN B 281 6.51 21.31 11.31
CA GLN B 281 6.83 20.12 10.55
C GLN B 281 8.12 20.20 9.78
N ARG B 282 8.69 21.40 9.60
CA ARG B 282 9.93 21.59 8.83
C ARG B 282 11.14 20.82 9.38
N VAL B 283 11.39 20.85 10.70
CA VAL B 283 12.50 20.08 11.27
C VAL B 283 12.23 18.57 11.26
N LEU B 284 10.95 18.18 11.39
CA LEU B 284 10.52 16.79 11.42
C LEU B 284 10.44 16.13 10.05
N THR B 285 10.34 16.92 8.97
CA THR B 285 10.21 16.36 7.63
C THR B 285 11.57 16.19 6.95
N PRO B 286 11.90 14.95 6.55
CA PRO B 286 13.18 14.73 5.87
C PRO B 286 13.19 15.38 4.48
N ASN B 287 14.25 16.14 4.20
CA ASN B 287 14.38 16.88 2.94
C ASN B 287 15.19 16.01 1.99
N LEU B 288 14.56 14.92 1.50
CA LEU B 288 15.22 13.97 0.61
C LEU B 288 14.35 13.67 -0.61
N VAL B 289 14.93 13.67 -1.81
CA VAL B 289 14.20 13.30 -3.02
C VAL B 289 14.91 12.08 -3.64
N ALA B 290 14.23 10.92 -3.66
CA ALA B 290 14.74 9.64 -4.13
C ALA B 290 15.39 9.68 -5.49
N ALA B 291 16.49 8.96 -5.59
CA ALA B 291 17.27 8.82 -6.81
C ALA B 291 18.00 7.48 -6.78
N LEU B 292 18.31 6.98 -7.98
CA LEU B 292 19.04 5.74 -8.22
C LEU B 292 20.54 5.96 -8.04
N PRO B 293 21.29 4.91 -7.67
CA PRO B 293 22.75 5.05 -7.60
C PRO B 293 23.40 4.96 -9.00
N PRO B 294 24.68 5.37 -9.18
CA PRO B 294 25.31 5.24 -10.51
C PRO B 294 25.64 3.77 -10.81
N Z9J C 1 7.26 9.73 -25.58
CA Z9J C 1 8.66 10.05 -25.61
C2 Z9J C 1 9.17 10.14 -24.17
S1 Z9J C 1 8.16 11.16 -23.05
C3 Z9J C 1 8.59 12.87 -23.47
C4 Z9J C 1 7.66 13.98 -23.02
C5 Z9J C 1 6.51 14.27 -23.73
C6 Z9J C 1 5.65 15.28 -23.31
C7 Z9J C 1 5.95 16.00 -22.17
C8 Z9J C 1 7.11 15.75 -21.45
C9 Z9J C 1 7.45 16.53 -20.19
S2 Z9J C 1 7.42 15.38 -18.75
C10 Z9J C 1 5.74 15.05 -18.18
C11 Z9J C 1 4.83 16.17 -18.65
C Z9J C 1 3.36 15.72 -18.56
O Z9J C 1 3.06 14.52 -18.60
C13 Z9J C 1 7.95 14.73 -21.89
N ALA C 2 2.45 16.71 -18.45
CA ALA C 2 1.02 16.45 -18.34
C ALA C 2 0.31 16.25 -19.68
N DAL C 3 -0.68 15.33 -19.71
CA DAL C 3 -1.46 15.10 -20.91
CB DAL C 3 -2.62 16.09 -20.96
C DAL C 3 -1.96 13.68 -21.08
O DAL C 3 -2.02 12.92 -20.11
N PHE C 4 -2.28 13.31 -22.33
CA PHE C 4 -2.82 12.03 -22.71
C PHE C 4 -2.40 11.69 -24.15
N FTR C 5 -1.95 10.45 -24.44
CA FTR C 5 -1.40 10.07 -25.76
CB FTR C 5 0.13 10.22 -25.76
CG FTR C 5 0.65 11.53 -25.26
CD2 FTR C 5 0.98 11.86 -23.90
CE2 FTR C 5 1.42 13.21 -23.89
CE3 FTR C 5 0.95 11.16 -22.69
CD1 FTR C 5 0.88 12.65 -25.99
NE1 FTR C 5 1.35 13.65 -25.18
CZ2 FTR C 5 1.80 13.87 -22.73
CZ3 FTR C 5 1.36 11.83 -21.57
F FTR C 5 1.35 11.16 -20.38
CH2 FTR C 5 1.77 13.15 -21.55
C FTR C 5 -1.79 8.64 -26.14
O FTR C 5 -1.73 7.76 -25.29
N PRO C 6 -2.05 8.37 -27.42
CA PRO C 6 -2.45 7.01 -27.83
C PRO C 6 -1.31 5.98 -27.94
N THR C 7 -0.06 6.44 -27.78
CA THR C 7 1.17 5.62 -27.77
C THR C 7 2.19 6.30 -26.84
N 0A1 C 8 3.35 5.66 -26.55
CA 0A1 C 8 4.39 6.29 -25.69
CB 0A1 C 8 5.58 5.35 -25.50
CG 0A1 C 8 6.68 5.89 -24.61
CD1 0A1 C 8 7.99 5.98 -25.06
CE1 0A1 C 8 9.00 6.45 -24.24
CZ 0A1 C 8 8.72 6.81 -22.92
OH 0A1 C 8 9.68 7.27 -22.06
CM 0A1 C 8 11.05 7.28 -22.49
CE2 0A1 C 8 7.41 6.75 -22.47
CD2 0A1 C 8 6.41 6.30 -23.31
C 0A1 C 8 4.83 7.64 -26.25
O 0A1 C 8 5.36 7.67 -27.36
CB 3WX C 9 4.47 11.05 -24.86
CA 3WX C 9 4.88 10.12 -26.01
CG 3WX C 9 4.54 10.17 -23.63
C 3WX C 9 6.36 10.48 -26.22
N 3WX C 9 4.57 8.76 -25.50
O 3WX C 9 6.67 11.48 -26.86
C39 3WX C 9 4.03 10.50 -27.22
CD 3WX C 9 3.95 8.89 -24.18
C1 GOL D . -10.90 2.45 25.52
O1 GOL D . -11.91 3.31 24.99
C2 GOL D . -10.99 1.07 24.90
O2 GOL D . -9.79 0.80 24.18
C3 GOL D . -11.16 0.03 25.99
O3 GOL D . -11.39 -1.26 25.43
C2 89N E . -6.58 9.57 -26.00
C3 89N E . -5.62 6.75 -28.50
C4 89N E . -5.94 8.83 -27.10
C5 89N E . -6.23 7.56 -27.40
O1 89N E . -4.53 7.47 -29.08
#